data_7Q1P
#
_entry.id   7Q1P
#
_cell.length_a   154.110
_cell.length_b   154.110
_cell.length_c   135.220
_cell.angle_alpha   90.000
_cell.angle_beta   90.000
_cell.angle_gamma   90.000
#
_symmetry.space_group_name_H-M   'I 4 2 2'
#
loop_
_entity.id
_entity.type
_entity.pdbx_description
1 polymer Cholinesterase
2 branched alpha-L-fucopyranose-(1-6)-2-acetamido-2-deoxy-beta-D-glucopyranose
3 branched 2-acetamido-2-deoxy-beta-D-glucopyranose-(1-4)-[alpha-L-fucopyranose-(1-6)]2-acetamido-2-deoxy-beta-D-glucopyranose
4 non-polymer 2-acetamido-2-deoxy-beta-D-glucopyranose
5 non-polymer GLYCEROL
6 non-polymer N-[(2R)-3-(cyclohexylmethylamino)-2-oxidanyl-propyl]-3,3-diphenyl-propanamide
7 non-polymer 'GLYCOLIC ACID'
8 non-polymer 'SULFATE ION'
9 non-polymer 'SODIUM ION'
10 non-polymer 'CHLORIDE ION'
11 water water
#
_entity_poly.entity_id   1
_entity_poly.type   'polypeptide(L)'
_entity_poly.pdbx_seq_one_letter_code
;EDDIIIATKNGKVRGMQLTVFGGTVTAFLGIPYAQPPLGRLRFKKPQSLTKWSDIWNATKYANSCCQNIDQSFPGFHGSE
MWNPNTDLSEDCLYLNVWIPAPKPKNATVLIWIYGGGFQTGTSSLHVYDGKFLARVERVIVVSMNYRVGALGFLALPGNP
EAPGNMGLFDQQLALQWVQKNIAAFGGNPKSVTLFGESAGAASVSLHLLSPGSHSLFTRAILQSGSFNAPWAVTSLYEAR
NRTLNLAKLTGCSRENETEIIKCLRNKDPQEILLNEAFVVPYGTPLSVNFGPTVDGDFLTDMPDILLELGQFKKTQILVG
VNKDEGTAFLVYGAPGFSKDNNSIITRKEFQEGLKIFFPGVSEFGKESILFHYTDWVDDQRPENYREALGDVVGDYNFIC
PALEFTKKFSEWGNNAFFYYFEHRSSKLPWPEWMGVMHGYEIEFVFGLPLERRDQYTKAEEILSRSIVKRWANFAKYGNP
QETQNQSTSWPVFKSTEQKYLTLNTESTRIMTKLRAQQCRFWTSFFPKV
;
_entity_poly.pdbx_strand_id   A
#
loop_
_chem_comp.id
_chem_comp.type
_chem_comp.name
_chem_comp.formula
8UW non-polymer N-[(2R)-3-(cyclohexylmethylamino)-2-oxidanyl-propyl]-3,3-diphenyl-propanamide 'C25 H34 N2 O2'
CL non-polymer 'CHLORIDE ION' 'Cl -1'
FUC L-saccharide, alpha linking alpha-L-fucopyranose 'C6 H12 O5'
GOA non-polymer 'GLYCOLIC ACID' 'C2 H4 O3'
GOL non-polymer GLYCEROL 'C3 H8 O3'
NA non-polymer 'SODIUM ION' 'Na 1'
NAG D-saccharide, beta linking 2-acetamido-2-deoxy-beta-D-glucopyranose 'C8 H15 N O6'
SO4 non-polymer 'SULFATE ION' 'O4 S -2'
#
# COMPACT_ATOMS: atom_id res chain seq x y z
N ASP A 3 10.80 -5.54 33.02
CA ASP A 3 10.75 -6.61 32.01
C ASP A 3 9.30 -7.04 31.71
N ILE A 4 8.84 -6.80 30.48
CA ILE A 4 7.46 -7.09 30.09
C ILE A 4 7.47 -8.29 29.16
N ILE A 5 6.69 -9.31 29.53
CA ILE A 5 6.60 -10.56 28.80
C ILE A 5 5.12 -10.90 28.67
N ILE A 6 4.72 -11.29 27.46
CA ILE A 6 3.32 -11.51 27.15
C ILE A 6 3.12 -12.95 26.69
N ALA A 7 2.21 -13.65 27.35
CA ALA A 7 1.81 -14.99 26.95
C ALA A 7 0.83 -14.88 25.79
N THR A 8 1.28 -15.29 24.60
CA THR A 8 0.42 -15.41 23.44
C THR A 8 -0.10 -16.85 23.37
N LYS A 9 -0.95 -17.12 22.38
CA LYS A 9 -1.48 -18.47 22.23
C LYS A 9 -0.43 -19.47 21.74
N ASN A 10 0.78 -19.02 21.40
CA ASN A 10 1.81 -19.91 20.89
C ASN A 10 3.05 -19.97 21.77
N GLY A 11 3.09 -19.19 22.83
CA GLY A 11 4.24 -19.14 23.72
C GLY A 11 4.50 -17.72 24.16
N LYS A 12 5.32 -17.59 25.19
CA LYS A 12 5.69 -16.27 25.71
C LYS A 12 6.54 -15.52 24.68
N VAL A 13 6.36 -14.20 24.64
CA VAL A 13 7.22 -13.32 23.87
C VAL A 13 7.72 -12.24 24.82
N ARG A 14 8.95 -11.78 24.60
CA ARG A 14 9.54 -10.68 25.35
C ARG A 14 9.70 -9.46 24.47
N GLY A 15 9.23 -8.30 24.95
CA GLY A 15 9.36 -7.06 24.24
C GLY A 15 10.52 -6.22 24.74
N MET A 16 10.52 -4.96 24.31
CA MET A 16 11.48 -3.96 24.77
C MET A 16 10.76 -2.64 25.02
N GLN A 17 11.24 -1.91 26.02
CA GLN A 17 10.70 -0.61 26.36
C GLN A 17 11.42 0.46 25.56
N LEU A 18 10.65 1.44 25.08
CA LEU A 18 11.15 2.51 24.23
C LEU A 18 10.77 3.83 24.85
N THR A 19 11.71 4.77 24.89
CA THR A 19 11.43 6.12 25.33
C THR A 19 10.97 6.93 24.11
N VAL A 20 9.71 7.37 24.13
CA VAL A 20 9.15 8.20 23.08
C VAL A 20 8.52 9.40 23.75
N PHE A 21 9.01 10.61 23.43
CA PHE A 21 8.40 11.86 23.89
C PHE A 21 8.24 11.88 25.41
N GLY A 22 9.34 11.61 26.13
CA GLY A 22 9.25 11.61 27.58
C GLY A 22 8.32 10.58 28.19
N GLY A 23 7.86 9.63 27.38
CA GLY A 23 7.04 8.53 27.87
C GLY A 23 7.59 7.21 27.39
N THR A 24 6.85 6.13 27.58
CA THR A 24 7.33 4.80 27.26
C THR A 24 6.36 4.11 26.30
N VAL A 25 6.92 3.41 25.32
CA VAL A 25 6.16 2.51 24.46
C VAL A 25 6.85 1.16 24.51
N THR A 26 6.07 0.09 24.59
CA THR A 26 6.59 -1.26 24.57
C THR A 26 6.53 -1.82 23.16
N ALA A 27 7.65 -2.34 22.66
CA ALA A 27 7.73 -2.80 21.28
C ALA A 27 8.04 -4.29 21.27
N PHE A 28 7.25 -5.02 20.48
CA PHE A 28 7.49 -6.42 20.16
C PHE A 28 7.76 -6.49 18.64
N LEU A 29 9.04 -6.51 18.27
CA LEU A 29 9.43 -6.58 16.86
C LEU A 29 9.77 -8.03 16.51
N GLY A 30 9.26 -8.49 15.36
CA GLY A 30 9.67 -9.81 14.88
C GLY A 30 9.00 -11.02 15.51
N ILE A 31 7.72 -10.94 15.85
CA ILE A 31 6.98 -12.11 16.32
C ILE A 31 6.62 -12.98 15.12
N PRO A 32 6.90 -14.29 15.13
CA PRO A 32 6.48 -15.13 14.01
C PRO A 32 4.97 -15.35 14.04
N TYR A 33 4.37 -15.42 12.86
CA TYR A 33 2.93 -15.69 12.80
C TYR A 33 2.59 -16.80 11.81
N ALA A 34 3.58 -17.47 11.24
CA ALA A 34 3.31 -18.60 10.37
C ALA A 34 4.56 -19.44 10.32
N GLN A 35 4.39 -20.70 9.94
CA GLN A 35 5.53 -21.51 9.63
C GLN A 35 6.32 -20.84 8.50
N PRO A 36 7.64 -20.77 8.60
CA PRO A 36 8.44 -20.24 7.49
C PRO A 36 8.09 -20.97 6.20
N PRO A 37 7.77 -20.26 5.13
CA PRO A 37 7.33 -20.92 3.88
C PRO A 37 8.50 -21.39 3.04
N LEU A 38 9.26 -22.34 3.58
CA LEU A 38 10.50 -22.83 2.98
C LEU A 38 10.30 -24.22 2.41
N GLY A 39 11.14 -24.56 1.44
CA GLY A 39 11.15 -25.91 0.90
C GLY A 39 9.85 -26.22 0.20
N ARG A 40 9.17 -27.28 0.67
CA ARG A 40 7.89 -27.65 0.08
C ARG A 40 6.80 -26.62 0.35
N LEU A 41 7.00 -25.72 1.31
CA LEU A 41 5.99 -24.71 1.62
C LEU A 41 6.12 -23.47 0.74
N ARG A 42 7.12 -23.40 -0.13
CA ARG A 42 7.24 -22.27 -1.05
C ARG A 42 6.07 -22.28 -2.02
N PHE A 43 5.50 -21.10 -2.27
CA PHE A 43 4.34 -20.86 -3.12
C PHE A 43 3.02 -21.33 -2.51
N LYS A 44 3.03 -21.97 -1.33
CA LYS A 44 1.79 -22.36 -0.69
C LYS A 44 1.26 -21.25 0.20
N LYS A 45 -0.03 -21.34 0.51
CA LYS A 45 -0.63 -20.50 1.54
C LYS A 45 0.12 -20.71 2.86
N PRO A 46 0.21 -19.69 3.70
CA PRO A 46 0.98 -19.81 4.94
C PRO A 46 0.34 -20.84 5.88
N GLN A 47 1.17 -21.58 6.60
CA GLN A 47 0.71 -22.63 7.50
C GLN A 47 0.71 -22.15 8.94
N SER A 48 -0.18 -22.75 9.73
CA SER A 48 -0.32 -22.37 11.13
C SER A 48 1.00 -22.59 11.87
N LEU A 49 1.22 -21.79 12.91
CA LEU A 49 2.49 -21.80 13.62
C LEU A 49 2.44 -22.85 14.73
N THR A 50 3.46 -23.70 14.76
CA THR A 50 3.57 -24.69 15.83
C THR A 50 4.01 -24.03 17.12
N LYS A 51 3.46 -24.50 18.23
CA LYS A 51 3.69 -23.91 19.54
C LYS A 51 5.19 -23.97 19.92
N TRP A 52 5.58 -23.05 20.80
CA TRP A 52 6.92 -23.08 21.39
C TRP A 52 6.82 -22.92 22.90
N SER A 53 7.81 -23.50 23.59
CA SER A 53 7.82 -23.57 25.05
C SER A 53 8.83 -22.64 25.70
N ASP A 54 9.68 -22.00 24.92
CA ASP A 54 10.69 -21.09 25.45
C ASP A 54 10.12 -19.67 25.45
N ILE A 55 10.98 -18.66 25.53
CA ILE A 55 10.60 -17.27 25.38
C ILE A 55 11.19 -16.78 24.07
N TRP A 56 10.34 -16.29 23.18
CA TRP A 56 10.80 -15.64 21.96
C TRP A 56 11.23 -14.21 22.27
N ASN A 57 12.43 -13.84 21.84
CA ASN A 57 12.93 -12.48 22.07
C ASN A 57 12.53 -11.64 20.87
N ALA A 58 11.40 -10.96 20.97
CA ALA A 58 10.92 -10.09 19.90
C ALA A 58 11.52 -8.70 20.07
N THR A 59 12.85 -8.64 19.89
CA THR A 59 13.62 -7.46 20.25
C THR A 59 14.37 -6.86 19.06
N LYS A 60 14.08 -7.32 17.85
CA LYS A 60 14.67 -6.70 16.68
C LYS A 60 13.78 -7.06 15.51
N TYR A 61 13.76 -6.18 14.51
CA TYR A 61 12.99 -6.47 13.32
C TYR A 61 13.50 -7.77 12.69
N ALA A 62 12.58 -8.52 12.12
CA ALA A 62 12.93 -9.80 11.50
C ALA A 62 13.33 -9.58 10.05
N ASN A 63 13.74 -10.67 9.38
CA ASN A 63 14.06 -10.64 7.96
C ASN A 63 12.92 -10.03 7.16
N SER A 64 13.27 -9.33 6.08
CA SER A 64 12.29 -8.92 5.09
C SER A 64 12.18 -10.00 4.03
N CYS A 65 11.01 -10.08 3.39
CA CYS A 65 10.80 -11.09 2.36
C CYS A 65 11.69 -10.81 1.14
N CYS A 66 12.06 -11.88 0.44
CA CYS A 66 12.87 -11.76 -0.75
C CYS A 66 12.22 -10.77 -1.71
N GLN A 67 13.06 -9.98 -2.37
CA GLN A 67 12.56 -8.98 -3.30
C GLN A 67 13.74 -8.37 -4.03
N ASN A 68 13.52 -7.90 -5.24
CA ASN A 68 14.53 -7.14 -5.94
C ASN A 68 14.66 -5.77 -5.29
N ILE A 69 15.87 -5.26 -5.28
CA ILE A 69 16.18 -3.93 -4.79
C ILE A 69 16.67 -3.15 -5.99
N ASP A 70 15.86 -2.19 -6.44
CA ASP A 70 16.27 -1.36 -7.56
C ASP A 70 17.44 -0.44 -7.18
N GLN A 71 18.38 -0.28 -8.09
CA GLN A 71 19.54 0.59 -7.89
C GLN A 71 19.52 1.77 -8.86
N SER A 72 18.37 2.38 -9.05
CA SER A 72 18.28 3.46 -10.02
C SER A 72 19.01 4.71 -9.54
N PHE A 73 18.96 4.99 -8.24
CA PHE A 73 19.61 6.17 -7.68
C PHE A 73 20.48 5.72 -6.52
N PRO A 74 21.63 5.13 -6.84
CA PRO A 74 22.54 4.65 -5.79
C PRO A 74 23.03 5.77 -4.89
N GLY A 75 22.87 5.57 -3.59
CA GLY A 75 23.30 6.52 -2.60
C GLY A 75 22.34 7.65 -2.33
N PHE A 76 21.19 7.66 -2.99
CA PHE A 76 20.23 8.75 -2.87
C PHE A 76 19.21 8.37 -1.82
N HIS A 77 19.07 9.21 -0.79
CA HIS A 77 18.13 8.88 0.26
C HIS A 77 16.68 8.82 -0.25
N GLY A 78 16.36 9.59 -1.31
CA GLY A 78 14.99 9.57 -1.81
C GLY A 78 14.51 8.21 -2.26
N SER A 79 15.43 7.37 -2.76
CA SER A 79 14.98 6.03 -3.11
C SER A 79 15.41 4.99 -2.09
N GLU A 80 16.57 5.16 -1.46
CA GLU A 80 17.05 4.12 -0.56
C GLU A 80 16.27 4.07 0.74
N MET A 81 15.61 5.16 1.15
CA MET A 81 14.72 5.08 2.32
C MET A 81 13.63 4.03 2.16
N TRP A 82 13.39 3.52 0.94
CA TRP A 82 12.33 2.54 0.69
C TRP A 82 12.83 1.11 0.61
N ASN A 83 14.14 0.92 0.52
CA ASN A 83 14.73 -0.41 0.38
C ASN A 83 14.78 -1.15 1.71
N PRO A 84 14.73 -2.47 1.69
CA PRO A 84 14.65 -3.21 2.95
C PRO A 84 15.86 -2.91 3.84
N ASN A 85 15.60 -2.85 5.15
CA ASN A 85 16.65 -2.58 6.13
C ASN A 85 16.90 -3.77 7.05
N THR A 86 16.46 -4.97 6.66
CA THR A 86 16.88 -6.21 7.29
C THR A 86 17.24 -7.21 6.20
N ASP A 87 17.86 -8.32 6.60
CA ASP A 87 18.26 -9.34 5.65
C ASP A 87 17.06 -9.80 4.85
N LEU A 88 17.29 -10.06 3.57
CA LEU A 88 16.28 -10.71 2.73
C LEU A 88 16.31 -12.21 2.99
N SER A 89 15.16 -12.78 3.32
CA SER A 89 15.08 -14.22 3.50
C SER A 89 13.68 -14.67 3.11
N GLU A 90 13.55 -15.94 2.74
CA GLU A 90 12.21 -16.49 2.55
C GLU A 90 11.51 -16.66 3.91
N ASP A 91 12.31 -16.85 4.96
CA ASP A 91 11.86 -16.90 6.34
C ASP A 91 11.61 -15.48 6.80
N CYS A 92 10.42 -14.95 6.44
CA CYS A 92 10.11 -13.54 6.68
C CYS A 92 8.72 -13.30 7.25
N LEU A 93 7.98 -14.33 7.65
CA LEU A 93 6.58 -14.17 8.04
C LEU A 93 6.55 -13.80 9.53
N TYR A 94 6.84 -12.54 9.78
CA TYR A 94 6.89 -11.98 11.12
C TYR A 94 6.07 -10.71 11.14
N LEU A 95 5.62 -10.34 12.35
CA LEU A 95 4.90 -9.09 12.53
C LEU A 95 5.45 -8.35 13.74
N ASN A 96 5.01 -7.09 13.90
CA ASN A 96 5.47 -6.21 14.97
C ASN A 96 4.28 -5.61 15.70
N VAL A 97 4.47 -5.35 16.99
CA VAL A 97 3.41 -4.81 17.83
C VAL A 97 3.98 -3.69 18.69
N TRP A 98 3.38 -2.50 18.60
CA TRP A 98 3.67 -1.41 19.52
C TRP A 98 2.46 -1.21 20.44
N ILE A 99 2.71 -1.22 21.74
CA ILE A 99 1.65 -1.01 22.72
C ILE A 99 2.05 0.14 23.64
N PRO A 100 1.12 1.02 23.96
CA PRO A 100 1.42 2.12 24.90
C PRO A 100 1.84 1.60 26.27
N ALA A 101 2.62 2.40 26.97
CA ALA A 101 2.88 2.14 28.37
C ALA A 101 2.24 3.24 29.20
N PRO A 102 1.53 2.90 30.29
CA PRO A 102 1.26 1.53 30.73
C PRO A 102 0.30 0.80 29.81
N LYS A 103 0.32 -0.52 29.89
CA LYS A 103 -0.51 -1.39 29.07
C LYS A 103 -1.95 -0.90 29.05
N PRO A 104 -2.52 -0.62 27.88
CA PRO A 104 -3.88 -0.08 27.83
C PRO A 104 -4.89 -1.14 28.23
N LYS A 105 -6.11 -0.67 28.51
CA LYS A 105 -7.13 -1.60 28.98
C LYS A 105 -7.82 -2.29 27.81
N ASN A 106 -8.16 -1.55 26.77
CA ASN A 106 -8.94 -2.10 25.65
C ASN A 106 -8.72 -1.25 24.41
N ALA A 107 -7.48 -1.21 23.94
CA ALA A 107 -7.05 -0.23 22.94
C ALA A 107 -7.48 -0.63 21.54
N THR A 108 -7.87 0.37 20.76
CA THR A 108 -8.11 0.18 19.33
C THR A 108 -6.79 -0.14 18.63
N VAL A 109 -6.85 -1.01 17.63
CA VAL A 109 -5.67 -1.54 16.96
C VAL A 109 -5.63 -1.04 15.51
N LEU A 110 -4.51 -0.47 15.11
N LEU A 110 -4.50 -0.46 15.13
CA LEU A 110 -4.27 -0.12 13.72
CA LEU A 110 -4.20 -0.11 13.75
C LEU A 110 -3.23 -1.08 13.15
C LEU A 110 -3.25 -1.17 13.20
N ILE A 111 -3.58 -1.72 12.03
CA ILE A 111 -2.73 -2.71 11.36
C ILE A 111 -2.26 -2.11 10.04
N TRP A 112 -0.97 -1.87 9.93
CA TRP A 112 -0.35 -1.35 8.72
C TRP A 112 -0.05 -2.46 7.71
N ILE A 113 -0.35 -2.20 6.44
CA ILE A 113 0.02 -3.09 5.33
C ILE A 113 0.84 -2.28 4.34
N TYR A 114 2.15 -2.51 4.29
CA TYR A 114 3.00 -1.65 3.47
C TYR A 114 2.71 -1.88 1.99
N GLY A 115 3.11 -0.89 1.17
CA GLY A 115 3.07 -1.01 -0.26
C GLY A 115 4.43 -1.34 -0.84
N GLY A 116 4.52 -1.22 -2.17
CA GLY A 116 5.71 -1.57 -2.91
C GLY A 116 5.37 -2.32 -4.20
N GLY A 117 4.23 -1.96 -4.80
CA GLY A 117 3.82 -2.56 -6.06
C GLY A 117 3.61 -4.06 -6.04
N PHE A 118 3.37 -4.65 -4.86
CA PHE A 118 3.32 -6.10 -4.67
C PHE A 118 4.63 -6.82 -5.05
N GLN A 119 5.70 -6.07 -5.35
CA GLN A 119 7.00 -6.69 -5.64
C GLN A 119 8.06 -6.36 -4.60
N THR A 120 7.84 -5.35 -3.75
CA THR A 120 8.84 -4.91 -2.78
C THR A 120 8.12 -4.54 -1.50
N GLY A 121 8.91 -4.20 -0.48
CA GLY A 121 8.32 -3.68 0.73
C GLY A 121 8.76 -4.45 1.95
N THR A 122 8.70 -3.79 3.09
CA THR A 122 8.97 -4.42 4.37
C THR A 122 8.39 -3.52 5.43
N SER A 123 7.98 -4.14 6.55
CA SER A 123 7.35 -3.40 7.63
C SER A 123 8.34 -2.71 8.55
N SER A 124 9.64 -2.96 8.40
CA SER A 124 10.65 -2.36 9.27
C SER A 124 11.16 -1.00 8.78
N LEU A 125 10.57 -0.42 7.75
CA LEU A 125 11.01 0.90 7.33
C LEU A 125 10.80 1.91 8.45
N HIS A 126 11.73 2.87 8.53
CA HIS A 126 11.68 3.94 9.53
C HIS A 126 10.37 4.74 9.42
N VAL A 127 9.88 4.99 8.20
CA VAL A 127 8.63 5.76 8.09
C VAL A 127 7.39 4.94 8.44
N TYR A 128 7.54 3.65 8.78
CA TYR A 128 6.44 2.83 9.28
C TYR A 128 6.54 2.55 10.78
N ASP A 129 7.37 3.28 11.52
CA ASP A 129 7.62 2.99 12.93
C ASP A 129 6.39 3.34 13.77
N GLY A 130 5.71 2.34 14.29
CA GLY A 130 4.46 2.63 14.97
C GLY A 130 4.55 3.20 16.37
N LYS A 131 5.74 3.49 16.90
CA LYS A 131 5.82 3.90 18.30
C LYS A 131 5.22 5.29 18.54
N PHE A 132 5.29 6.18 17.54
CA PHE A 132 4.75 7.52 17.76
C PHE A 132 3.23 7.45 17.95
N LEU A 133 2.55 6.66 17.12
CA LEU A 133 1.10 6.52 17.23
C LEU A 133 0.71 5.89 18.54
N ALA A 134 1.43 4.84 18.96
CA ALA A 134 1.16 4.22 20.24
C ALA A 134 1.32 5.24 21.35
N ARG A 135 2.42 6.00 21.32
CA ARG A 135 2.69 7.01 22.34
C ARG A 135 1.63 8.11 22.35
N VAL A 136 1.28 8.65 21.19
CA VAL A 136 0.50 9.89 21.13
C VAL A 136 -1.00 9.62 21.19
N GLU A 137 -1.50 8.55 20.59
CA GLU A 137 -2.94 8.32 20.60
C GLU A 137 -3.32 7.12 21.45
N ARG A 138 -2.34 6.40 22.02
CA ARG A 138 -2.62 5.24 22.84
C ARG A 138 -3.38 4.18 22.08
N VAL A 139 -3.14 4.07 20.79
CA VAL A 139 -3.60 2.93 20.03
C VAL A 139 -2.47 1.90 19.98
N ILE A 140 -2.81 0.68 19.62
CA ILE A 140 -1.85 -0.36 19.36
C ILE A 140 -1.63 -0.45 17.85
N VAL A 141 -0.36 -0.46 17.44
CA VAL A 141 0.01 -0.54 16.03
C VAL A 141 0.58 -1.92 15.75
N VAL A 142 0.13 -2.53 14.67
CA VAL A 142 0.65 -3.80 14.21
C VAL A 142 1.02 -3.64 12.75
N SER A 143 2.13 -4.27 12.36
CA SER A 143 2.49 -4.37 10.95
C SER A 143 3.09 -5.75 10.72
N MET A 144 2.84 -6.29 9.52
CA MET A 144 3.34 -7.60 9.18
C MET A 144 4.16 -7.52 7.90
N ASN A 145 5.10 -8.45 7.78
CA ASN A 145 5.75 -8.74 6.53
C ASN A 145 4.92 -9.77 5.79
N TYR A 146 4.72 -9.56 4.49
CA TYR A 146 4.04 -10.54 3.65
C TYR A 146 4.88 -10.75 2.39
N ARG A 147 4.75 -11.93 1.80
CA ARG A 147 5.54 -12.25 0.61
C ARG A 147 5.12 -11.41 -0.60
N VAL A 148 6.09 -11.08 -1.43
CA VAL A 148 5.89 -10.22 -2.59
C VAL A 148 6.53 -10.85 -3.81
N GLY A 149 6.23 -10.27 -4.97
CA GLY A 149 6.80 -10.84 -6.18
C GLY A 149 6.24 -12.23 -6.44
N ALA A 150 6.97 -12.96 -7.27
CA ALA A 150 6.58 -14.33 -7.58
C ALA A 150 6.39 -15.16 -6.31
N LEU A 151 7.28 -14.97 -5.33
CA LEU A 151 7.15 -15.82 -4.14
C LEU A 151 5.85 -15.57 -3.39
N GLY A 152 5.21 -14.40 -3.58
CA GLY A 152 3.97 -14.09 -2.90
C GLY A 152 2.73 -14.19 -3.79
N PHE A 153 2.90 -14.20 -5.11
CA PHE A 153 1.74 -14.05 -5.97
C PHE A 153 1.76 -14.89 -7.24
N LEU A 154 2.79 -15.73 -7.43
CA LEU A 154 2.77 -16.67 -8.54
C LEU A 154 1.47 -17.48 -8.53
N ALA A 155 0.84 -17.59 -9.69
CA ALA A 155 -0.49 -18.18 -9.79
C ALA A 155 -0.51 -19.22 -10.90
N LEU A 156 -0.67 -20.47 -10.52
CA LEU A 156 -1.14 -21.54 -11.40
C LEU A 156 -2.52 -21.85 -10.89
N PRO A 157 -3.51 -21.07 -11.31
CA PRO A 157 -4.76 -20.94 -10.55
C PRO A 157 -5.55 -22.23 -10.54
N GLY A 158 -5.99 -22.64 -9.35
CA GLY A 158 -6.62 -23.93 -9.13
C GLY A 158 -5.65 -24.99 -8.64
N ASN A 159 -4.37 -24.84 -8.94
CA ASN A 159 -3.31 -25.69 -8.42
C ASN A 159 -2.95 -25.24 -7.01
N PRO A 160 -3.23 -26.04 -5.97
CA PRO A 160 -2.90 -25.59 -4.61
C PRO A 160 -1.42 -25.51 -4.33
N GLU A 161 -0.57 -26.09 -5.20
CA GLU A 161 0.86 -25.89 -5.07
C GLU A 161 1.25 -24.44 -5.38
N ALA A 162 0.43 -23.72 -6.13
CA ALA A 162 0.69 -22.32 -6.46
C ALA A 162 -0.63 -21.65 -6.78
N PRO A 163 -1.49 -21.44 -5.78
CA PRO A 163 -2.86 -20.97 -6.05
C PRO A 163 -2.98 -19.48 -6.32
N GLY A 164 -1.92 -18.69 -6.08
CA GLY A 164 -1.99 -17.25 -6.16
C GLY A 164 -2.39 -16.63 -4.83
N ASN A 165 -2.19 -15.31 -4.71
CA ASN A 165 -2.62 -14.51 -3.56
C ASN A 165 -1.96 -14.92 -2.23
N MET A 166 -0.83 -15.64 -2.26
CA MET A 166 -0.20 -16.09 -1.02
C MET A 166 0.17 -14.94 -0.11
N GLY A 167 0.69 -13.84 -0.66
CA GLY A 167 0.97 -12.67 0.17
C GLY A 167 -0.27 -12.07 0.79
N LEU A 168 -1.39 -12.10 0.07
CA LEU A 168 -2.63 -11.63 0.67
C LEU A 168 -3.06 -12.54 1.82
N PHE A 169 -2.88 -13.86 1.67
CA PHE A 169 -3.18 -14.77 2.77
C PHE A 169 -2.18 -14.61 3.93
N ASP A 170 -0.92 -14.25 3.65
CA ASP A 170 -0.02 -13.88 4.73
C ASP A 170 -0.62 -12.75 5.55
N GLN A 171 -1.03 -11.67 4.86
CA GLN A 171 -1.67 -10.56 5.55
C GLN A 171 -2.84 -11.05 6.38
N GLN A 172 -3.67 -11.92 5.80
CA GLN A 172 -4.85 -12.41 6.50
C GLN A 172 -4.48 -13.23 7.72
N LEU A 173 -3.46 -14.09 7.60
CA LEU A 173 -3.04 -14.88 8.75
C LEU A 173 -2.57 -13.96 9.88
N ALA A 174 -1.90 -12.86 9.53
CA ALA A 174 -1.51 -11.88 10.55
C ALA A 174 -2.73 -11.21 11.19
N LEU A 175 -3.75 -10.84 10.38
CA LEU A 175 -4.99 -10.35 10.99
C LEU A 175 -5.57 -11.39 11.95
N GLN A 176 -5.57 -12.66 11.53
CA GLN A 176 -6.07 -13.72 12.40
C GLN A 176 -5.26 -13.80 13.70
N TRP A 177 -3.94 -13.56 13.63
CA TRP A 177 -3.09 -13.53 14.82
C TRP A 177 -3.51 -12.42 15.77
N VAL A 178 -3.85 -11.25 15.23
CA VAL A 178 -4.30 -10.13 16.06
C VAL A 178 -5.59 -10.50 16.76
N GLN A 179 -6.53 -11.10 16.03
CA GLN A 179 -7.77 -11.57 16.66
C GLN A 179 -7.49 -12.53 17.81
N LYS A 180 -6.60 -13.50 17.61
CA LYS A 180 -6.39 -14.50 18.67
C LYS A 180 -5.58 -13.97 19.83
N ASN A 181 -4.70 -12.98 19.61
CA ASN A 181 -3.68 -12.65 20.60
C ASN A 181 -3.68 -11.22 21.10
N ILE A 182 -4.27 -10.26 20.38
CA ILE A 182 -4.03 -8.85 20.73
C ILE A 182 -4.61 -8.52 22.10
N ALA A 183 -5.63 -9.26 22.56
CA ALA A 183 -6.18 -8.96 23.88
C ALA A 183 -5.12 -9.14 24.97
N ALA A 184 -4.29 -10.17 24.85
CA ALA A 184 -3.22 -10.35 25.82
C ALA A 184 -2.27 -9.15 25.89
N PHE A 185 -2.20 -8.33 24.83
CA PHE A 185 -1.41 -7.11 24.82
C PHE A 185 -2.22 -5.87 25.25
N GLY A 186 -3.45 -6.04 25.71
CA GLY A 186 -4.30 -4.92 26.05
C GLY A 186 -5.09 -4.33 24.90
N GLY A 187 -5.17 -5.04 23.76
CA GLY A 187 -5.85 -4.54 22.59
C GLY A 187 -7.25 -5.11 22.44
N ASN A 188 -8.07 -4.37 21.68
CA ASN A 188 -9.46 -4.70 21.46
C ASN A 188 -9.62 -5.35 20.09
N PRO A 189 -9.67 -6.68 20.01
CA PRO A 189 -9.87 -7.33 18.70
C PRO A 189 -11.15 -6.88 17.98
N LYS A 190 -12.09 -6.25 18.66
CA LYS A 190 -13.31 -5.79 17.99
C LYS A 190 -13.20 -4.36 17.47
N SER A 191 -12.04 -3.70 17.67
CA SER A 191 -11.76 -2.36 17.13
C SER A 191 -10.41 -2.42 16.41
N VAL A 192 -10.42 -2.97 15.20
CA VAL A 192 -9.22 -3.14 14.39
C VAL A 192 -9.44 -2.39 13.08
N THR A 193 -8.53 -1.47 12.77
CA THR A 193 -8.57 -0.72 11.52
C THR A 193 -7.34 -1.07 10.71
N LEU A 194 -7.57 -1.53 9.48
CA LEU A 194 -6.49 -1.73 8.51
C LEU A 194 -6.17 -0.40 7.85
N PHE A 195 -4.88 -0.12 7.70
CA PHE A 195 -4.48 1.00 6.86
C PHE A 195 -3.23 0.59 6.10
N GLY A 196 -3.16 1.02 4.85
CA GLY A 196 -2.03 0.72 4.00
C GLY A 196 -1.95 1.76 2.90
N GLU A 197 -0.81 1.79 2.24
CA GLU A 197 -0.60 2.77 1.18
C GLU A 197 -0.19 2.05 -0.10
N SER A 198 -0.70 2.54 -1.22
CA SER A 198 -0.35 2.05 -2.56
C SER A 198 -0.75 0.60 -2.69
N ALA A 199 0.16 -0.34 -2.99
CA ALA A 199 -0.22 -1.74 -3.02
C ALA A 199 -0.79 -2.19 -1.69
N GLY A 200 -0.34 -1.58 -0.59
CA GLY A 200 -0.95 -1.87 0.70
C GLY A 200 -2.39 -1.39 0.77
N ALA A 201 -2.68 -0.23 0.17
CA ALA A 201 -4.05 0.25 0.11
C ALA A 201 -4.89 -0.66 -0.78
N ALA A 202 -4.32 -1.12 -1.89
CA ALA A 202 -5.07 -2.05 -2.72
C ALA A 202 -5.34 -3.36 -1.98
N SER A 203 -4.38 -3.81 -1.16
CA SER A 203 -4.59 -4.98 -0.30
C SER A 203 -5.75 -4.74 0.67
N VAL A 204 -5.74 -3.59 1.36
CA VAL A 204 -6.84 -3.24 2.26
C VAL A 204 -8.17 -3.35 1.53
N SER A 205 -8.27 -2.77 0.32
CA SER A 205 -9.55 -2.82 -0.38
C SER A 205 -9.92 -4.26 -0.76
N LEU A 206 -8.93 -5.11 -1.02
CA LEU A 206 -9.25 -6.51 -1.28
C LEU A 206 -9.72 -7.23 -0.03
N HIS A 207 -9.20 -6.86 1.15
CA HIS A 207 -9.74 -7.48 2.36
C HIS A 207 -11.19 -7.09 2.58
N LEU A 208 -11.62 -5.92 2.11
CA LEU A 208 -13.03 -5.58 2.16
C LEU A 208 -13.86 -6.49 1.27
N LEU A 209 -13.27 -7.01 0.19
CA LEU A 209 -13.99 -7.94 -0.66
C LEU A 209 -13.85 -9.40 -0.22
N SER A 210 -12.89 -9.70 0.61
CA SER A 210 -12.63 -11.13 0.83
C SER A 210 -13.46 -11.66 1.99
N PRO A 211 -14.25 -12.71 1.78
CA PRO A 211 -15.07 -13.21 2.90
C PRO A 211 -14.25 -13.74 4.06
N GLY A 212 -13.08 -14.32 3.80
CA GLY A 212 -12.24 -14.79 4.90
C GLY A 212 -11.76 -13.68 5.80
N SER A 213 -11.65 -12.45 5.28
CA SER A 213 -11.17 -11.35 6.09
C SER A 213 -12.27 -10.57 6.81
N HIS A 214 -13.54 -10.80 6.42
N HIS A 214 -13.55 -10.82 6.49
CA HIS A 214 -14.67 -10.02 6.90
CA HIS A 214 -14.59 -9.89 6.92
C HIS A 214 -14.61 -9.82 8.42
C HIS A 214 -14.72 -9.82 8.44
N SER A 215 -14.46 -10.92 9.16
CA SER A 215 -14.53 -10.88 10.61
C SER A 215 -13.20 -10.57 11.28
N LEU A 216 -12.17 -10.22 10.53
CA LEU A 216 -10.87 -9.99 11.12
C LEU A 216 -10.55 -8.50 11.31
N PHE A 217 -11.46 -7.59 10.97
CA PHE A 217 -11.18 -6.17 11.18
C PHE A 217 -12.49 -5.40 11.21
N THR A 218 -12.41 -4.15 11.68
CA THR A 218 -13.60 -3.31 11.80
C THR A 218 -13.74 -2.31 10.66
N ARG A 219 -12.69 -1.52 10.38
CA ARG A 219 -12.75 -0.39 9.47
C ARG A 219 -11.49 -0.36 8.61
N ALA A 220 -11.45 0.54 7.62
CA ALA A 220 -10.37 0.50 6.63
C ALA A 220 -9.98 1.89 6.15
N ILE A 221 -8.68 2.10 5.98
CA ILE A 221 -8.08 3.34 5.49
C ILE A 221 -7.24 3.01 4.27
N LEU A 222 -7.50 3.70 3.15
CA LEU A 222 -6.84 3.41 1.88
C LEU A 222 -6.10 4.67 1.41
N GLN A 223 -4.77 4.67 1.55
CA GLN A 223 -3.91 5.79 1.14
C GLN A 223 -3.32 5.49 -0.23
N SER A 224 -3.73 6.25 -1.24
CA SER A 224 -3.12 6.19 -2.59
C SER A 224 -3.16 4.79 -3.18
N GLY A 225 -4.33 4.17 -3.15
CA GLY A 225 -4.46 2.88 -3.83
C GLY A 225 -5.82 2.29 -3.58
N SER A 226 -6.21 1.41 -4.50
CA SER A 226 -7.42 0.61 -4.43
C SER A 226 -7.30 -0.46 -5.49
N PHE A 227 -8.09 -1.54 -5.34
CA PHE A 227 -7.96 -2.69 -6.23
C PHE A 227 -8.37 -2.37 -7.67
N ASN A 228 -9.27 -1.40 -7.88
CA ASN A 228 -9.69 -1.09 -9.24
C ASN A 228 -8.69 -0.24 -10.00
N ALA A 229 -7.56 0.12 -9.38
CA ALA A 229 -6.46 0.77 -10.10
C ALA A 229 -5.91 -0.20 -11.15
N PRO A 230 -5.48 0.31 -12.31
CA PRO A 230 -5.14 -0.59 -13.42
C PRO A 230 -3.99 -1.53 -13.11
N TRP A 231 -3.12 -1.18 -12.17
CA TRP A 231 -1.96 -2.00 -11.84
C TRP A 231 -2.26 -3.06 -10.77
N ALA A 232 -3.45 -3.07 -10.20
CA ALA A 232 -3.61 -3.75 -8.91
C ALA A 232 -4.03 -5.21 -9.02
N VAL A 233 -4.73 -5.63 -10.06
CA VAL A 233 -5.13 -7.03 -10.21
C VAL A 233 -4.62 -7.57 -11.54
N THR A 234 -4.03 -8.76 -11.52
CA THR A 234 -3.59 -9.41 -12.74
C THR A 234 -4.65 -10.43 -13.17
N SER A 235 -5.03 -10.39 -14.43
CA SER A 235 -6.02 -11.33 -14.97
C SER A 235 -5.47 -12.74 -14.95
N LEU A 236 -6.38 -13.72 -15.04
CA LEU A 236 -5.93 -15.10 -15.00
C LEU A 236 -5.12 -15.44 -16.25
N TYR A 237 -5.46 -14.81 -17.39
CA TYR A 237 -4.70 -15.01 -18.60
C TYR A 237 -3.25 -14.57 -18.41
N GLU A 238 -3.03 -13.34 -17.94
CA GLU A 238 -1.66 -12.90 -17.73
C GLU A 238 -0.98 -13.72 -16.64
N ALA A 239 -1.73 -14.09 -15.60
CA ALA A 239 -1.12 -14.85 -14.50
C ALA A 239 -0.56 -16.17 -14.99
N ARG A 240 -1.26 -16.82 -15.91
CA ARG A 240 -0.72 -18.07 -16.42
C ARG A 240 0.42 -17.84 -17.41
N ASN A 241 0.30 -16.83 -18.29
CA ASN A 241 1.41 -16.55 -19.20
C ASN A 241 2.68 -16.21 -18.44
N ARG A 242 2.54 -15.45 -17.34
CA ARG A 242 3.70 -15.02 -16.59
C ARG A 242 4.34 -16.19 -15.84
N THR A 243 3.51 -17.08 -15.29
CA THR A 243 4.02 -18.26 -14.59
C THR A 243 4.75 -19.18 -15.54
N LEU A 244 4.21 -19.38 -16.74
CA LEU A 244 4.87 -20.25 -17.70
C LEU A 244 6.10 -19.59 -18.29
N ASN A 245 6.09 -18.26 -18.43
CA ASN A 245 7.29 -17.57 -18.88
C ASN A 245 8.40 -17.68 -17.85
N LEU A 246 8.06 -17.48 -16.57
CA LEU A 246 9.05 -17.66 -15.51
C LEU A 246 9.60 -19.08 -15.52
N ALA A 247 8.73 -20.05 -15.81
CA ALA A 247 9.18 -21.43 -15.90
C ALA A 247 10.16 -21.61 -17.05
N LYS A 248 9.82 -21.05 -18.22
CA LYS A 248 10.75 -21.13 -19.35
C LYS A 248 12.10 -20.50 -19.01
N LEU A 249 12.08 -19.32 -18.35
CA LEU A 249 13.34 -18.63 -18.06
C LEU A 249 14.20 -19.41 -17.09
N THR A 250 13.60 -20.15 -16.16
CA THR A 250 14.37 -20.92 -15.20
C THR A 250 14.63 -22.35 -15.66
N GLY A 251 14.17 -22.73 -16.85
CA GLY A 251 14.34 -24.10 -17.29
C GLY A 251 13.45 -25.04 -16.53
N CYS A 252 12.23 -24.61 -16.21
CA CYS A 252 11.29 -25.37 -15.40
C CYS A 252 10.01 -25.72 -16.15
N SER A 253 9.99 -25.53 -17.47
CA SER A 253 8.88 -25.98 -18.28
C SER A 253 8.71 -27.48 -18.15
N ARG A 254 7.56 -27.90 -17.63
CA ARG A 254 7.18 -29.30 -17.57
C ARG A 254 5.72 -29.41 -17.99
N GLU A 255 5.36 -30.54 -18.61
CA GLU A 255 4.01 -30.66 -19.13
C GLU A 255 2.99 -30.77 -18.01
N ASN A 256 3.34 -31.48 -16.94
CA ASN A 256 2.51 -31.54 -15.74
C ASN A 256 2.65 -30.24 -14.96
N GLU A 257 1.54 -29.50 -14.82
CA GLU A 257 1.60 -28.20 -14.16
C GLU A 257 2.13 -28.32 -12.74
N THR A 258 1.78 -29.40 -12.06
CA THR A 258 2.27 -29.58 -10.70
C THR A 258 3.77 -29.75 -10.67
N GLU A 259 4.36 -30.30 -11.75
CA GLU A 259 5.80 -30.54 -11.82
C GLU A 259 6.60 -29.27 -12.10
N ILE A 260 5.98 -28.27 -12.73
CA ILE A 260 6.64 -26.97 -12.85
C ILE A 260 6.95 -26.42 -11.47
N ILE A 261 5.95 -26.45 -10.58
CA ILE A 261 6.13 -25.85 -9.24
C ILE A 261 7.18 -26.61 -8.46
N LYS A 262 7.23 -27.94 -8.59
CA LYS A 262 8.31 -28.71 -7.99
C LYS A 262 9.66 -28.20 -8.49
N CYS A 263 9.78 -27.99 -9.80
CA CYS A 263 11.02 -27.47 -10.37
C CYS A 263 11.33 -26.07 -9.83
N LEU A 264 10.32 -25.19 -9.79
CA LEU A 264 10.58 -23.86 -9.25
C LEU A 264 10.87 -23.88 -7.77
N ARG A 265 10.41 -24.90 -7.06
CA ARG A 265 10.68 -25.00 -5.63
C ARG A 265 12.12 -25.43 -5.35
N ASN A 266 12.83 -25.96 -6.34
CA ASN A 266 14.25 -26.27 -6.18
C ASN A 266 15.17 -25.19 -6.71
N LYS A 267 14.61 -24.09 -7.20
CA LYS A 267 15.42 -22.95 -7.62
C LYS A 267 15.76 -22.05 -6.43
N ASP A 268 16.95 -21.45 -6.48
CA ASP A 268 17.33 -20.45 -5.49
C ASP A 268 16.41 -19.25 -5.58
N PRO A 269 16.15 -18.57 -4.46
CA PRO A 269 15.34 -17.35 -4.52
C PRO A 269 15.87 -16.35 -5.54
N GLN A 270 17.20 -16.29 -5.70
CA GLN A 270 17.77 -15.31 -6.61
C GLN A 270 17.47 -15.65 -8.08
N GLU A 271 17.48 -16.94 -8.46
CA GLU A 271 17.13 -17.29 -9.83
C GLU A 271 15.72 -16.87 -10.18
N ILE A 272 14.80 -17.00 -9.23
CA ILE A 272 13.44 -16.56 -9.45
C ILE A 272 13.39 -15.04 -9.54
N LEU A 273 14.05 -14.35 -8.59
CA LEU A 273 14.00 -12.89 -8.53
C LEU A 273 14.59 -12.26 -9.78
N LEU A 274 15.76 -12.73 -10.22
CA LEU A 274 16.37 -12.10 -11.37
C LEU A 274 15.56 -12.29 -12.66
N ASN A 275 14.65 -13.28 -12.69
CA ASN A 275 13.83 -13.51 -13.88
C ASN A 275 12.44 -12.88 -13.80
N GLU A 276 12.03 -12.38 -12.63
CA GLU A 276 10.69 -11.79 -12.50
C GLU A 276 10.46 -10.66 -13.51
N ALA A 277 11.52 -9.96 -13.92
CA ALA A 277 11.33 -8.76 -14.73
C ALA A 277 10.85 -9.10 -16.13
N PHE A 278 11.33 -10.21 -16.70
CA PHE A 278 11.13 -10.52 -18.11
C PHE A 278 9.93 -11.43 -18.36
N VAL A 279 9.02 -11.57 -17.40
CA VAL A 279 7.86 -12.43 -17.68
C VAL A 279 6.83 -11.70 -18.52
N VAL A 280 6.96 -10.39 -18.68
CA VAL A 280 6.12 -9.66 -19.64
C VAL A 280 7.01 -9.16 -20.78
N PRO A 281 6.51 -9.13 -22.01
CA PRO A 281 7.38 -8.68 -23.12
C PRO A 281 7.57 -7.18 -23.12
N TYR A 282 6.55 -6.44 -22.73
CA TYR A 282 6.59 -4.99 -22.57
C TYR A 282 6.14 -4.64 -21.16
N GLY A 283 6.77 -3.63 -20.57
CA GLY A 283 6.45 -3.20 -19.23
C GLY A 283 6.27 -1.70 -19.15
N THR A 284 5.90 -1.24 -17.96
CA THR A 284 5.90 0.20 -17.69
C THR A 284 6.52 0.37 -16.30
N PRO A 285 6.81 1.60 -15.87
CA PRO A 285 7.23 1.78 -14.48
C PRO A 285 6.21 1.29 -13.48
N LEU A 286 4.94 1.17 -13.85
CA LEU A 286 3.91 0.66 -12.96
C LEU A 286 3.64 -0.82 -13.19
N SER A 287 4.52 -1.50 -13.92
CA SER A 287 4.39 -2.94 -14.08
C SER A 287 4.30 -3.62 -12.73
N VAL A 288 3.34 -4.52 -12.60
CA VAL A 288 3.16 -5.39 -11.44
C VAL A 288 3.10 -6.80 -12.00
N ASN A 289 4.26 -7.47 -12.09
CA ASN A 289 4.28 -8.72 -12.85
C ASN A 289 3.59 -9.86 -12.11
N PHE A 290 3.64 -9.85 -10.79
CA PHE A 290 3.03 -10.90 -9.97
C PHE A 290 2.22 -10.20 -8.90
N GLY A 291 0.91 -10.14 -9.10
CA GLY A 291 0.03 -9.47 -8.18
C GLY A 291 -1.21 -10.29 -7.86
N PRO A 292 -2.15 -9.67 -7.16
CA PRO A 292 -3.40 -10.36 -6.82
C PRO A 292 -4.11 -10.91 -8.06
N THR A 293 -4.71 -12.10 -7.91
CA THR A 293 -5.56 -12.70 -8.93
C THR A 293 -6.88 -13.10 -8.31
N VAL A 294 -7.85 -13.36 -9.19
CA VAL A 294 -9.11 -14.01 -8.82
C VAL A 294 -8.78 -15.49 -8.65
N ASP A 295 -8.61 -15.93 -7.41
CA ASP A 295 -8.19 -17.31 -7.14
C ASP A 295 -9.35 -18.24 -6.79
N GLY A 296 -10.56 -17.75 -6.63
CA GLY A 296 -11.61 -18.61 -6.11
C GLY A 296 -11.51 -18.89 -4.63
N ASP A 297 -10.65 -18.18 -3.90
CA ASP A 297 -10.43 -18.42 -2.48
C ASP A 297 -10.39 -17.10 -1.73
N PHE A 298 -9.30 -16.36 -1.85
CA PHE A 298 -9.29 -15.02 -1.28
C PHE A 298 -10.29 -14.13 -2.01
N LEU A 299 -10.32 -14.25 -3.33
CA LEU A 299 -11.21 -13.49 -4.22
C LEU A 299 -12.11 -14.48 -4.92
N THR A 300 -13.41 -14.37 -4.70
CA THR A 300 -14.35 -15.33 -5.24
C THR A 300 -14.85 -14.96 -6.62
N ASP A 301 -14.59 -13.75 -7.08
CA ASP A 301 -15.07 -13.28 -8.38
C ASP A 301 -14.23 -12.06 -8.76
N MET A 302 -14.36 -11.62 -10.01
CA MET A 302 -13.61 -10.46 -10.42
C MET A 302 -14.03 -9.28 -9.56
N PRO A 303 -13.08 -8.58 -8.93
CA PRO A 303 -13.46 -7.65 -7.86
C PRO A 303 -14.26 -6.44 -8.36
N ASP A 304 -14.13 -6.05 -9.63
CA ASP A 304 -15.00 -4.99 -10.13
C ASP A 304 -16.47 -5.38 -10.07
N ILE A 305 -16.78 -6.67 -10.24
CA ILE A 305 -18.16 -7.14 -10.13
C ILE A 305 -18.61 -7.12 -8.67
N LEU A 306 -17.77 -7.61 -7.76
CA LEU A 306 -18.10 -7.56 -6.33
C LEU A 306 -18.38 -6.13 -5.89
N LEU A 307 -17.50 -5.19 -6.28
CA LEU A 307 -17.71 -3.78 -5.95
C LEU A 307 -19.02 -3.26 -6.54
N GLU A 308 -19.21 -3.45 -7.85
CA GLU A 308 -20.36 -2.86 -8.52
C GLU A 308 -21.67 -3.37 -7.92
N LEU A 309 -21.71 -4.61 -7.42
CA LEU A 309 -22.94 -5.18 -6.90
C LEU A 309 -22.96 -5.23 -5.38
N GLY A 310 -22.17 -4.40 -4.70
CA GLY A 310 -22.28 -4.30 -3.26
C GLY A 310 -21.85 -5.52 -2.47
N GLN A 311 -20.93 -6.33 -3.01
CA GLN A 311 -20.54 -7.58 -2.34
C GLN A 311 -19.22 -7.36 -1.59
N PHE A 312 -19.33 -6.66 -0.45
CA PHE A 312 -18.15 -6.30 0.33
C PHE A 312 -18.56 -5.98 1.76
N LYS A 313 -17.56 -5.97 2.65
CA LYS A 313 -17.83 -5.68 4.05
C LYS A 313 -18.48 -4.30 4.18
N LYS A 314 -19.57 -4.22 4.91
CA LYS A 314 -20.27 -2.95 5.14
C LYS A 314 -19.71 -2.29 6.40
N THR A 315 -18.99 -1.18 6.22
CA THR A 315 -18.30 -0.48 7.31
C THR A 315 -17.88 0.88 6.76
N GLN A 316 -17.18 1.66 7.57
CA GLN A 316 -16.73 2.97 7.12
C GLN A 316 -15.36 2.85 6.45
N ILE A 317 -15.06 3.79 5.55
CA ILE A 317 -13.74 3.83 4.94
C ILE A 317 -13.23 5.26 4.92
N LEU A 318 -11.91 5.37 4.91
CA LEU A 318 -11.19 6.62 4.73
C LEU A 318 -10.25 6.42 3.54
N VAL A 319 -10.38 7.27 2.52
CA VAL A 319 -9.68 7.08 1.25
C VAL A 319 -9.09 8.42 0.84
N GLY A 320 -7.88 8.39 0.28
CA GLY A 320 -7.36 9.65 -0.22
C GLY A 320 -6.18 9.44 -1.13
N VAL A 321 -5.71 10.56 -1.66
CA VAL A 321 -4.63 10.58 -2.65
C VAL A 321 -3.81 11.83 -2.40
N ASN A 322 -2.62 11.85 -3.00
CA ASN A 322 -1.71 12.98 -2.89
C ASN A 322 -1.79 13.81 -4.16
N LYS A 323 -1.47 15.10 -4.05
CA LYS A 323 -1.56 16.00 -5.19
C LYS A 323 -0.72 15.53 -6.38
N ASP A 324 0.47 14.97 -6.14
CA ASP A 324 1.29 14.62 -7.29
C ASP A 324 1.65 13.14 -7.38
N GLU A 325 0.64 12.27 -7.30
CA GLU A 325 0.84 10.82 -7.36
C GLU A 325 1.78 10.42 -8.49
N GLY A 326 1.63 11.05 -9.66
CA GLY A 326 2.27 10.54 -10.86
C GLY A 326 3.76 10.78 -10.99
N THR A 327 4.30 11.83 -10.34
CA THR A 327 5.61 12.32 -10.78
C THR A 327 6.74 11.34 -10.47
N ALA A 328 6.61 10.55 -9.40
CA ALA A 328 7.67 9.60 -9.07
C ALA A 328 7.92 8.63 -10.21
N PHE A 329 6.88 8.27 -10.95
CA PHE A 329 7.02 7.29 -12.02
C PHE A 329 7.74 7.88 -13.23
N LEU A 330 7.75 9.22 -13.37
CA LEU A 330 8.33 9.83 -14.56
C LEU A 330 9.86 9.69 -14.59
N VAL A 331 10.52 9.68 -13.43
CA VAL A 331 11.98 9.55 -13.42
C VAL A 331 12.43 8.10 -13.46
N TYR A 332 11.49 7.14 -13.50
CA TYR A 332 11.83 5.73 -13.69
C TYR A 332 11.55 5.28 -15.12
N GLY A 333 11.75 6.17 -16.10
CA GLY A 333 11.58 5.76 -17.48
C GLY A 333 11.10 6.78 -18.49
N ALA A 334 10.53 7.93 -18.04
CA ALA A 334 10.08 8.88 -19.05
C ALA A 334 11.26 9.68 -19.62
N PRO A 335 11.33 9.82 -20.94
CA PRO A 335 12.45 10.55 -21.56
C PRO A 335 12.41 12.04 -21.24
N GLY A 336 13.58 12.60 -20.95
CA GLY A 336 13.71 14.00 -20.61
C GLY A 336 13.51 14.33 -19.15
N PHE A 337 13.14 13.35 -18.32
CA PHE A 337 12.92 13.58 -16.89
C PHE A 337 14.17 13.20 -16.10
N SER A 338 14.46 13.99 -15.07
CA SER A 338 15.58 13.72 -14.18
C SER A 338 15.22 14.26 -12.81
N LYS A 339 15.70 13.58 -11.76
CA LYS A 339 15.63 14.17 -10.43
C LYS A 339 16.67 15.26 -10.22
N ASP A 340 17.62 15.43 -11.14
CA ASP A 340 18.71 16.38 -10.97
C ASP A 340 18.57 17.63 -11.82
N ASN A 341 17.50 17.77 -12.62
CA ASN A 341 17.19 19.02 -13.31
C ASN A 341 15.67 19.19 -13.32
N ASN A 342 15.18 20.30 -13.88
CA ASN A 342 13.78 20.63 -13.71
C ASN A 342 12.87 19.96 -14.74
N SER A 343 13.42 19.12 -15.62
CA SER A 343 12.65 18.20 -16.46
C SER A 343 11.63 18.91 -17.33
N ILE A 344 12.02 20.06 -17.87
CA ILE A 344 11.22 20.73 -18.89
C ILE A 344 11.26 19.92 -20.17
N ILE A 345 10.12 19.39 -20.58
CA ILE A 345 10.05 18.53 -21.75
C ILE A 345 9.19 19.21 -22.82
N THR A 346 9.47 18.87 -24.07
CA THR A 346 8.71 19.37 -25.22
C THR A 346 7.43 18.55 -25.46
N ARG A 347 6.62 19.04 -26.40
CA ARG A 347 5.44 18.30 -26.83
C ARG A 347 5.82 16.91 -27.33
N LYS A 348 6.90 16.82 -28.09
CA LYS A 348 7.34 15.55 -28.62
C LYS A 348 7.79 14.61 -27.51
N GLU A 349 8.44 15.16 -26.47
CA GLU A 349 8.84 14.30 -25.36
C GLU A 349 7.63 13.84 -24.57
N PHE A 350 6.60 14.69 -24.48
CA PHE A 350 5.35 14.27 -23.84
C PHE A 350 4.75 13.09 -24.59
N GLN A 351 4.76 13.14 -25.93
CA GLN A 351 4.19 12.05 -26.73
C GLN A 351 4.97 10.75 -26.51
N GLU A 352 6.31 10.82 -26.48
CA GLU A 352 7.09 9.63 -26.13
C GLU A 352 6.80 9.17 -24.70
N GLY A 353 6.55 10.11 -23.78
CA GLY A 353 6.14 9.72 -22.44
C GLY A 353 4.87 8.89 -22.43
N LEU A 354 3.90 9.25 -23.28
CA LEU A 354 2.65 8.50 -23.32
C LEU A 354 2.88 7.07 -23.81
N LYS A 355 3.75 6.91 -24.81
CA LYS A 355 4.05 5.57 -25.30
C LYS A 355 4.68 4.70 -24.21
N ILE A 356 5.50 5.30 -23.34
CA ILE A 356 6.07 4.55 -22.22
C ILE A 356 4.98 4.06 -21.30
N PHE A 357 4.05 4.94 -20.92
CA PHE A 357 3.08 4.55 -19.91
C PHE A 357 1.88 3.82 -20.50
N PHE A 358 1.66 3.91 -21.80
CA PHE A 358 0.50 3.28 -22.44
C PHE A 358 0.94 2.50 -23.67
N PRO A 359 1.77 1.47 -23.48
CA PRO A 359 2.47 0.86 -24.63
C PRO A 359 1.54 0.17 -25.61
N GLY A 360 0.48 -0.47 -25.12
CA GLY A 360 -0.42 -1.16 -26.02
C GLY A 360 -1.71 -0.42 -26.30
N VAL A 361 -1.68 0.91 -26.27
CA VAL A 361 -2.85 1.75 -26.52
C VAL A 361 -2.75 2.34 -27.93
N SER A 362 -3.88 2.41 -28.62
CA SER A 362 -3.90 2.83 -30.01
C SER A 362 -3.43 4.27 -30.15
N GLU A 363 -3.04 4.62 -31.37
CA GLU A 363 -2.63 5.99 -31.64
C GLU A 363 -3.76 6.96 -31.32
N PHE A 364 -5.00 6.58 -31.66
CA PHE A 364 -6.13 7.43 -31.32
C PHE A 364 -6.29 7.56 -29.82
N GLY A 365 -6.08 6.46 -29.09
CA GLY A 365 -6.15 6.54 -27.63
C GLY A 365 -5.15 7.51 -27.05
N LYS A 366 -3.91 7.47 -27.55
CA LYS A 366 -2.91 8.38 -27.01
C LYS A 366 -3.19 9.81 -27.45
N GLU A 367 -3.70 10.01 -28.66
CA GLU A 367 -4.11 11.35 -29.07
C GLU A 367 -5.23 11.91 -28.17
N SER A 368 -6.16 11.05 -27.73
CA SER A 368 -7.21 11.50 -26.83
C SER A 368 -6.66 11.96 -25.49
N ILE A 369 -5.66 11.24 -24.95
CA ILE A 369 -5.04 11.68 -23.71
C ILE A 369 -4.37 13.04 -23.91
N LEU A 370 -3.56 13.16 -24.97
CA LEU A 370 -2.90 14.44 -25.24
C LEU A 370 -3.93 15.56 -25.34
N PHE A 371 -5.02 15.32 -26.08
CA PHE A 371 -6.02 16.35 -26.28
C PHE A 371 -6.69 16.74 -24.97
N HIS A 372 -6.97 15.78 -24.11
CA HIS A 372 -7.64 16.12 -22.86
C HIS A 372 -6.73 16.93 -21.94
N TYR A 373 -5.41 16.72 -22.01
CA TYR A 373 -4.48 17.24 -21.02
C TYR A 373 -3.64 18.42 -21.51
N THR A 374 -3.93 18.97 -22.68
CA THR A 374 -3.16 20.08 -23.21
C THR A 374 -4.02 21.31 -23.46
N ASP A 375 -5.08 21.49 -22.66
CA ASP A 375 -5.90 22.70 -22.74
C ASP A 375 -5.31 23.73 -21.79
N TRP A 376 -4.21 24.34 -22.23
CA TRP A 376 -3.40 25.18 -21.36
C TRP A 376 -4.19 26.38 -20.83
N VAL A 377 -4.14 26.56 -19.51
CA VAL A 377 -4.46 27.86 -18.91
C VAL A 377 -3.55 28.93 -19.51
N ASP A 378 -2.25 28.74 -19.34
CA ASP A 378 -1.20 29.59 -19.90
C ASP A 378 -0.41 28.73 -20.87
N ASP A 379 -0.54 28.99 -22.17
CA ASP A 379 0.16 28.19 -23.17
C ASP A 379 1.57 28.68 -23.43
N GLN A 380 1.99 29.77 -22.79
CA GLN A 380 3.39 30.19 -22.79
C GLN A 380 4.21 29.47 -21.73
N ARG A 381 3.56 28.72 -20.84
CA ARG A 381 4.20 28.14 -19.67
C ARG A 381 5.05 26.95 -20.06
N PRO A 382 6.35 26.95 -19.78
CA PRO A 382 7.22 25.85 -20.23
C PRO A 382 7.15 24.60 -19.39
N GLU A 383 6.64 24.65 -18.16
CA GLU A 383 6.38 23.44 -17.39
C GLU A 383 5.13 22.71 -17.85
N ASN A 384 4.46 23.17 -18.92
CA ASN A 384 3.13 22.66 -19.27
C ASN A 384 3.17 21.16 -19.55
N TYR A 385 4.07 20.70 -20.41
CA TYR A 385 4.06 19.28 -20.76
C TYR A 385 4.58 18.41 -19.62
N ARG A 386 5.63 18.87 -18.93
CA ARG A 386 6.13 18.14 -17.77
C ARG A 386 5.02 17.90 -16.76
N GLU A 387 4.21 18.93 -16.51
CA GLU A 387 3.18 18.80 -15.50
C GLU A 387 2.02 17.95 -16.01
N ALA A 388 1.70 18.05 -17.30
CA ALA A 388 0.60 17.26 -17.82
C ALA A 388 0.94 15.77 -17.80
N LEU A 389 2.20 15.39 -18.10
CA LEU A 389 2.51 13.96 -18.07
C LEU A 389 2.40 13.40 -16.65
N GLY A 390 2.88 14.15 -15.66
CA GLY A 390 2.66 13.76 -14.27
C GLY A 390 1.19 13.56 -13.93
N ASP A 391 0.34 14.49 -14.39
CA ASP A 391 -1.06 14.37 -14.02
C ASP A 391 -1.75 13.24 -14.77
N VAL A 392 -1.32 12.98 -16.00
CA VAL A 392 -1.83 11.81 -16.72
C VAL A 392 -1.57 10.54 -15.91
N VAL A 393 -0.32 10.34 -15.49
CA VAL A 393 0.02 9.11 -14.78
C VAL A 393 -0.65 9.06 -13.41
N GLY A 394 -0.70 10.19 -12.70
CA GLY A 394 -1.33 10.21 -11.39
C GLY A 394 -2.84 10.03 -11.45
N ASP A 395 -3.50 10.74 -12.38
CA ASP A 395 -4.96 10.62 -12.44
C ASP A 395 -5.36 9.21 -12.85
N TYR A 396 -4.73 8.69 -13.88
CA TYR A 396 -5.11 7.38 -14.41
C TYR A 396 -4.81 6.27 -13.41
N ASN A 397 -3.67 6.32 -12.71
CA ASN A 397 -3.23 5.17 -11.93
C ASN A 397 -3.66 5.19 -10.49
N PHE A 398 -4.05 6.35 -9.94
CA PHE A 398 -4.32 6.40 -8.50
C PHE A 398 -5.56 7.19 -8.19
N ILE A 399 -5.62 8.45 -8.67
CA ILE A 399 -6.67 9.36 -8.22
C ILE A 399 -8.03 8.91 -8.73
N CYS A 400 -8.17 8.78 -10.05
CA CYS A 400 -9.48 8.40 -10.57
C CYS A 400 -9.92 7.01 -10.09
N PRO A 401 -9.08 5.97 -10.05
CA PRO A 401 -9.53 4.71 -9.44
C PRO A 401 -9.98 4.84 -7.99
N ALA A 402 -9.26 5.64 -7.19
CA ALA A 402 -9.64 5.83 -5.79
C ALA A 402 -10.97 6.56 -5.67
N LEU A 403 -11.18 7.60 -6.48
CA LEU A 403 -12.47 8.27 -6.45
C LEU A 403 -13.59 7.30 -6.84
N GLU A 404 -13.36 6.48 -7.87
CA GLU A 404 -14.40 5.56 -8.32
C GLU A 404 -14.69 4.50 -7.26
N PHE A 405 -13.65 4.01 -6.58
CA PHE A 405 -13.84 3.08 -5.48
C PHE A 405 -14.69 3.70 -4.38
N THR A 406 -14.41 4.96 -4.05
CA THR A 406 -15.15 5.60 -2.97
C THR A 406 -16.60 5.87 -3.37
N LYS A 407 -16.84 6.26 -4.63
CA LYS A 407 -18.22 6.45 -5.09
C LYS A 407 -19.01 5.15 -5.01
N LYS A 408 -18.47 4.08 -5.58
CA LYS A 408 -19.20 2.80 -5.60
C LYS A 408 -19.40 2.26 -4.18
N PHE A 409 -18.39 2.39 -3.32
CA PHE A 409 -18.50 1.88 -1.97
C PHE A 409 -19.58 2.63 -1.21
N SER A 410 -19.64 3.95 -1.34
CA SER A 410 -20.60 4.74 -0.57
C SER A 410 -22.03 4.61 -1.10
N GLU A 411 -22.18 4.18 -2.35
CA GLU A 411 -23.50 3.94 -2.92
C GLU A 411 -24.27 2.85 -2.17
N TRP A 412 -23.60 2.03 -1.38
CA TRP A 412 -24.28 1.00 -0.62
C TRP A 412 -24.45 1.38 0.85
N GLY A 413 -24.42 2.67 1.16
CA GLY A 413 -24.97 3.18 2.40
C GLY A 413 -23.96 3.41 3.50
N ASN A 414 -22.68 3.19 3.26
CA ASN A 414 -21.67 3.40 4.29
C ASN A 414 -21.04 4.80 4.21
N ASN A 415 -20.70 5.32 5.38
CA ASN A 415 -19.94 6.55 5.45
C ASN A 415 -18.56 6.35 4.86
N ALA A 416 -18.21 7.22 3.94
CA ALA A 416 -16.88 7.26 3.37
C ALA A 416 -16.34 8.67 3.52
N PHE A 417 -15.03 8.79 3.68
CA PHE A 417 -14.37 10.06 3.84
C PHE A 417 -13.18 10.08 2.90
N PHE A 418 -13.07 11.15 2.10
CA PHE A 418 -12.04 11.27 1.08
C PHE A 418 -11.18 12.48 1.38
N TYR A 419 -9.85 12.32 1.21
CA TYR A 419 -8.91 13.40 1.47
C TYR A 419 -8.03 13.64 0.25
N TYR A 420 -7.50 14.86 0.18
CA TYR A 420 -6.56 15.26 -0.88
C TYR A 420 -5.35 15.88 -0.20
N PHE A 421 -4.23 15.17 -0.19
CA PHE A 421 -3.06 15.58 0.56
C PHE A 421 -2.17 16.41 -0.35
N GLU A 422 -1.92 17.68 0.02
CA GLU A 422 -1.22 18.57 -0.89
C GLU A 422 -0.09 19.32 -0.20
N HIS A 423 0.44 18.79 0.89
CA HIS A 423 1.61 19.38 1.52
C HIS A 423 2.88 18.65 1.08
N ARG A 424 3.84 19.40 0.57
CA ARG A 424 5.15 18.86 0.21
C ARG A 424 6.06 18.90 1.44
N SER A 425 6.45 17.71 1.92
CA SER A 425 7.33 17.63 3.08
C SER A 425 8.55 18.52 2.90
N SER A 426 8.80 19.38 3.90
CA SER A 426 10.01 20.21 3.90
C SER A 426 11.30 19.41 3.88
N LYS A 427 11.26 18.13 4.27
CA LYS A 427 12.45 17.32 4.27
C LYS A 427 12.56 16.45 3.01
N LEU A 428 11.62 16.60 2.07
CA LEU A 428 11.52 15.69 0.93
C LEU A 428 12.78 15.76 0.07
N PRO A 429 13.48 14.64 -0.13
CA PRO A 429 14.80 14.71 -0.79
C PRO A 429 14.69 14.86 -2.29
N TRP A 430 13.53 14.59 -2.88
CA TRP A 430 13.32 14.73 -4.31
C TRP A 430 13.10 16.20 -4.70
N PRO A 431 13.40 16.58 -5.94
CA PRO A 431 13.32 18.00 -6.34
C PRO A 431 11.89 18.54 -6.35
N GLU A 432 11.81 19.87 -6.44
CA GLU A 432 10.54 20.56 -6.22
C GLU A 432 9.52 20.33 -7.34
N TRP A 433 9.97 20.15 -8.60
CA TRP A 433 9.02 19.90 -9.66
C TRP A 433 8.23 18.61 -9.44
N MET A 434 8.74 17.69 -8.60
CA MET A 434 7.92 16.49 -8.37
C MET A 434 6.82 16.67 -7.33
N GLY A 435 6.80 17.79 -6.58
CA GLY A 435 5.61 18.14 -5.82
C GLY A 435 5.33 17.20 -4.66
N VAL A 436 4.04 16.87 -4.47
CA VAL A 436 3.58 16.10 -3.31
C VAL A 436 3.52 14.65 -3.78
N MET A 437 4.64 13.95 -3.63
CA MET A 437 4.83 12.69 -4.33
C MET A 437 4.08 11.56 -3.67
N HIS A 438 3.86 10.52 -4.47
CA HIS A 438 3.43 9.22 -4.00
C HIS A 438 4.30 8.77 -2.84
N GLY A 439 3.67 8.38 -1.74
CA GLY A 439 4.38 7.85 -0.60
C GLY A 439 4.72 8.83 0.50
N TYR A 440 4.65 10.15 0.23
CA TYR A 440 5.22 11.12 1.15
C TYR A 440 4.17 11.78 2.03
N GLU A 441 2.99 11.18 2.15
CA GLU A 441 2.12 11.46 3.28
C GLU A 441 2.32 10.47 4.42
N ILE A 442 2.98 9.34 4.15
CA ILE A 442 3.10 8.27 5.16
C ILE A 442 3.77 8.80 6.43
N GLU A 443 4.84 9.56 6.27
CA GLU A 443 5.54 10.05 7.44
C GLU A 443 4.65 10.98 8.27
N PHE A 444 3.69 11.65 7.63
CA PHE A 444 2.77 12.48 8.39
C PHE A 444 1.78 11.63 9.15
N VAL A 445 1.25 10.58 8.51
CA VAL A 445 0.33 9.66 9.15
C VAL A 445 0.98 8.97 10.32
N PHE A 446 2.26 8.58 10.19
CA PHE A 446 2.92 7.87 11.28
C PHE A 446 3.49 8.79 12.33
N GLY A 447 3.41 10.10 12.11
CA GLY A 447 3.74 11.07 13.16
C GLY A 447 5.20 11.42 13.28
N LEU A 448 5.99 11.19 12.23
CA LEU A 448 7.41 11.55 12.33
C LEU A 448 7.62 13.04 12.56
N PRO A 449 6.86 13.97 11.96
CA PRO A 449 7.07 15.38 12.28
C PRO A 449 6.73 15.74 13.72
N LEU A 450 6.09 14.85 14.48
CA LEU A 450 5.92 15.11 15.90
C LEU A 450 7.25 15.12 16.65
N GLU A 451 8.32 14.55 16.08
CA GLU A 451 9.64 14.56 16.71
C GLU A 451 10.36 15.85 16.35
N ARG A 452 10.49 16.76 17.34
CA ARG A 452 11.04 18.08 17.07
C ARG A 452 12.51 18.02 16.66
N ARG A 453 13.23 16.96 17.05
CA ARG A 453 14.64 16.84 16.70
C ARG A 453 14.85 16.68 15.19
N ASP A 454 13.85 16.17 14.46
CA ASP A 454 13.99 15.75 13.07
C ASP A 454 14.01 16.89 12.05
N GLN A 455 13.89 18.14 12.50
CA GLN A 455 13.99 19.31 11.62
C GLN A 455 12.84 19.43 10.63
N TYR A 456 11.68 18.85 10.93
CA TYR A 456 10.45 19.26 10.26
C TYR A 456 10.00 20.62 10.82
N THR A 457 9.22 21.35 10.03
CA THR A 457 8.80 22.67 10.52
C THR A 457 7.67 22.56 11.54
N LYS A 458 7.48 23.68 12.25
CA LYS A 458 6.41 23.80 13.23
C LYS A 458 5.04 23.54 12.60
N ALA A 459 4.79 24.18 11.45
CA ALA A 459 3.55 23.92 10.75
C ALA A 459 3.40 22.45 10.42
N GLU A 460 4.51 21.75 10.12
CA GLU A 460 4.41 20.33 9.81
C GLU A 460 4.10 19.50 11.04
N GLU A 461 4.59 19.92 12.21
CA GLU A 461 4.20 19.25 13.44
C GLU A 461 2.71 19.39 13.69
N ILE A 462 2.16 20.58 13.49
CA ILE A 462 0.71 20.79 13.62
C ILE A 462 -0.04 19.87 12.68
N LEU A 463 0.36 19.87 11.39
CA LEU A 463 -0.37 19.09 10.41
C LEU A 463 -0.32 17.60 10.74
N SER A 464 0.86 17.09 11.09
CA SER A 464 0.95 15.68 11.48
C SER A 464 0.12 15.42 12.73
N ARG A 465 0.23 16.29 13.74
CA ARG A 465 -0.60 16.09 14.92
C ARG A 465 -2.07 15.99 14.57
N SER A 466 -2.54 16.85 13.66
CA SER A 466 -3.94 16.82 13.27
C SER A 466 -4.30 15.54 12.50
N ILE A 467 -3.45 15.13 11.57
CA ILE A 467 -3.72 13.93 10.79
C ILE A 467 -3.71 12.69 11.69
N VAL A 468 -2.77 12.62 12.61
CA VAL A 468 -2.71 11.49 13.53
C VAL A 468 -4.01 11.38 14.34
N LYS A 469 -4.53 12.52 14.81
CA LYS A 469 -5.78 12.49 15.56
C LYS A 469 -6.94 12.07 14.67
N ARG A 470 -7.01 12.60 13.45
CA ARG A 470 -8.06 12.21 12.52
C ARG A 470 -8.03 10.70 12.26
N TRP A 471 -6.85 10.15 11.96
CA TRP A 471 -6.75 8.71 11.72
C TRP A 471 -7.14 7.92 12.96
N ALA A 472 -6.66 8.36 14.14
CA ALA A 472 -7.01 7.65 15.37
C ALA A 472 -8.50 7.76 15.68
N ASN A 473 -9.09 8.95 15.47
CA ASN A 473 -10.53 9.10 15.69
C ASN A 473 -11.33 8.27 14.69
N PHE A 474 -10.81 8.09 13.48
CA PHE A 474 -11.48 7.19 12.54
C PHE A 474 -11.43 5.76 13.04
N ALA A 475 -10.25 5.30 13.48
CA ALA A 475 -10.15 3.92 13.92
C ALA A 475 -10.99 3.67 15.16
N LYS A 476 -10.96 4.61 16.11
CA LYS A 476 -11.69 4.42 17.37
C LYS A 476 -13.19 4.57 17.17
N TYR A 477 -13.61 5.62 16.46
CA TYR A 477 -15.00 6.03 16.45
C TYR A 477 -15.62 6.04 15.06
N GLY A 478 -14.86 5.70 14.01
CA GLY A 478 -15.41 5.64 12.67
C GLY A 478 -15.70 6.99 12.05
N ASN A 479 -15.04 8.04 12.53
CA ASN A 479 -15.34 9.42 12.17
C ASN A 479 -14.05 10.23 12.33
N PRO A 480 -13.42 10.68 11.22
CA PRO A 480 -12.06 11.26 11.30
C PRO A 480 -12.05 12.76 11.57
N GLN A 481 -12.74 13.19 12.62
CA GLN A 481 -12.73 14.58 13.03
C GLN A 481 -11.52 14.88 13.93
N GLU A 482 -11.16 16.15 13.97
CA GLU A 482 -10.30 16.74 14.98
C GLU A 482 -11.21 17.74 15.69
N THR A 483 -11.77 17.32 16.82
CA THR A 483 -12.92 18.02 17.37
C THR A 483 -12.55 19.22 18.23
N GLN A 484 -11.27 19.38 18.60
CA GLN A 484 -10.97 20.33 19.68
C GLN A 484 -10.35 21.62 19.19
N ASN A 485 -9.66 21.61 18.07
CA ASN A 485 -8.89 22.78 17.67
C ASN A 485 -9.55 23.47 16.48
N GLN A 486 -10.86 23.75 16.61
CA GLN A 486 -11.69 24.43 15.62
C GLN A 486 -11.35 24.03 14.17
N SER A 487 -11.06 22.75 13.95
CA SER A 487 -10.64 22.34 12.64
C SER A 487 -11.79 22.47 11.65
N THR A 488 -11.48 22.30 10.37
CA THR A 488 -12.55 22.12 9.40
C THR A 488 -13.17 20.74 9.60
N SER A 489 -14.50 20.70 9.66
CA SER A 489 -15.19 19.44 9.78
C SER A 489 -15.09 18.64 8.48
N TRP A 490 -14.78 17.35 8.61
CA TRP A 490 -14.62 16.49 7.45
C TRP A 490 -15.98 15.87 7.11
N PRO A 491 -16.62 16.25 5.99
CA PRO A 491 -17.94 15.70 5.65
C PRO A 491 -17.83 14.35 4.92
N VAL A 492 -18.90 13.56 5.02
CA VAL A 492 -18.90 12.27 4.34
C VAL A 492 -18.94 12.47 2.83
N PHE A 493 -18.24 11.61 2.13
CA PHE A 493 -18.25 11.58 0.67
C PHE A 493 -19.53 10.88 0.22
N LYS A 494 -20.41 11.60 -0.47
CA LYS A 494 -21.64 11.03 -1.01
C LYS A 494 -21.56 11.05 -2.53
N SER A 495 -22.14 10.03 -3.16
CA SER A 495 -22.02 9.87 -4.60
C SER A 495 -22.47 11.10 -5.37
N THR A 496 -23.38 11.88 -4.80
CA THR A 496 -23.93 13.06 -5.48
C THR A 496 -23.00 14.28 -5.37
N GLU A 497 -22.78 14.82 -4.15
CA GLU A 497 -21.91 15.99 -4.06
C GLU A 497 -20.42 15.65 -4.07
N GLN A 498 -20.03 14.51 -3.50
CA GLN A 498 -18.63 14.06 -3.55
C GLN A 498 -17.67 15.06 -2.92
N LYS A 499 -17.98 15.48 -1.70
CA LYS A 499 -17.11 16.39 -0.96
C LYS A 499 -15.90 15.66 -0.43
N TYR A 500 -14.79 16.38 -0.32
CA TYR A 500 -13.55 15.84 0.21
C TYR A 500 -12.82 16.94 0.98
N LEU A 501 -11.88 16.52 1.83
CA LEU A 501 -11.08 17.41 2.65
C LEU A 501 -9.67 17.53 2.05
N THR A 502 -9.20 18.74 1.87
CA THR A 502 -7.78 18.93 1.55
C THR A 502 -6.99 19.01 2.85
N LEU A 503 -5.80 18.41 2.83
CA LEU A 503 -4.90 18.43 3.97
C LEU A 503 -3.66 19.19 3.60
N ASN A 504 -3.32 20.20 4.40
CA ASN A 504 -2.15 21.02 4.14
C ASN A 504 -1.96 21.94 5.34
N THR A 505 -0.80 22.58 5.39
CA THR A 505 -0.47 23.37 6.56
C THR A 505 -1.27 24.65 6.61
N GLU A 506 -1.53 25.25 5.45
CA GLU A 506 -2.03 26.63 5.46
C GLU A 506 -3.52 26.70 5.78
N SER A 507 -4.33 25.83 5.16
CA SER A 507 -5.78 26.03 5.19
C SER A 507 -6.43 24.72 4.73
N THR A 508 -6.83 23.90 5.69
CA THR A 508 -7.59 22.70 5.40
C THR A 508 -9.03 23.07 5.05
N ARG A 509 -9.46 22.73 3.82
CA ARG A 509 -10.75 23.19 3.34
C ARG A 509 -11.50 22.08 2.62
N ILE A 510 -12.80 22.33 2.41
CA ILE A 510 -13.73 21.38 1.81
C ILE A 510 -13.99 21.78 0.37
N MET A 511 -13.88 20.79 -0.53
CA MET A 511 -14.10 20.99 -1.95
C MET A 511 -14.93 19.81 -2.46
N THR A 512 -15.33 19.89 -3.73
CA THR A 512 -16.22 18.90 -4.32
C THR A 512 -15.67 18.41 -5.64
N LYS A 513 -15.96 17.14 -5.94
CA LYS A 513 -15.76 16.57 -7.28
C LYS A 513 -14.31 16.71 -7.76
N LEU A 514 -13.40 16.13 -6.99
CA LEU A 514 -11.98 16.17 -7.32
C LEU A 514 -11.71 15.64 -8.73
N ARG A 515 -10.99 16.41 -9.55
CA ARG A 515 -10.59 15.96 -10.89
C ARG A 515 -11.78 15.46 -11.70
N ALA A 516 -12.91 16.16 -11.58
CA ALA A 516 -14.16 15.69 -12.17
C ALA A 516 -14.00 15.40 -13.65
N GLN A 517 -13.46 16.37 -14.41
CA GLN A 517 -13.35 16.20 -15.86
C GLN A 517 -12.30 15.17 -16.23
N GLN A 518 -11.15 15.18 -15.55
CA GLN A 518 -10.17 14.14 -15.81
C GLN A 518 -10.75 12.76 -15.55
N CYS A 519 -11.49 12.60 -14.46
CA CYS A 519 -11.87 11.25 -14.12
C CYS A 519 -13.03 10.75 -14.98
N ARG A 520 -13.85 11.65 -15.53
CA ARG A 520 -14.80 11.23 -16.55
C ARG A 520 -14.09 10.66 -17.77
N PHE A 521 -13.00 11.29 -18.19
CA PHE A 521 -12.26 10.77 -19.33
C PHE A 521 -11.72 9.38 -19.04
N TRP A 522 -11.05 9.21 -17.90
CA TRP A 522 -10.37 7.93 -17.61
C TRP A 522 -11.35 6.81 -17.28
N THR A 523 -12.40 7.12 -16.53
CA THR A 523 -13.32 6.10 -16.04
C THR A 523 -14.41 5.77 -17.05
N SER A 524 -14.83 6.71 -17.88
CA SER A 524 -15.91 6.47 -18.82
C SER A 524 -15.45 6.35 -20.26
N PHE A 525 -14.62 7.29 -20.73
CA PHE A 525 -14.20 7.27 -22.13
C PHE A 525 -13.02 6.33 -22.37
N PHE A 526 -11.94 6.49 -21.61
CA PHE A 526 -10.73 5.75 -21.94
C PHE A 526 -10.89 4.23 -22.01
N PRO A 527 -11.77 3.60 -21.22
CA PRO A 527 -11.91 2.14 -21.37
C PRO A 527 -12.43 1.72 -22.73
N LYS A 528 -13.15 2.59 -23.45
CA LYS A 528 -13.68 2.25 -24.77
C LYS A 528 -12.63 2.22 -25.88
N VAL A 529 -11.43 2.74 -25.67
CA VAL A 529 -10.47 2.86 -26.80
C VAL A 529 -9.57 1.64 -26.90
C1 NAG B . -13.49 -4.24 25.01
C2 NAG B . -14.17 -5.07 26.11
C3 NAG B . -15.29 -5.92 25.52
C4 NAG B . -16.27 -5.06 24.72
C5 NAG B . -15.51 -4.28 23.66
C6 NAG B . -16.39 -3.33 22.84
C7 NAG B . -12.40 -5.44 27.78
C8 NAG B . -11.46 -6.44 28.39
N2 NAG B . -13.21 -5.90 26.83
O3 NAG B . -15.99 -6.61 26.55
O4 NAG B . -17.27 -5.89 24.13
O5 NAG B . -14.49 -3.48 24.27
O6 NAG B . -15.72 -2.78 21.72
O7 NAG B . -12.42 -4.27 28.14
C1 FUC B . -16.53 -1.71 21.12
C2 FUC B . -15.65 -0.63 20.29
C3 FUC B . -15.25 -1.07 18.84
C4 FUC B . -16.39 -1.79 18.07
C5 FUC B . -17.21 -2.77 18.99
C6 FUC B . -18.53 -3.22 18.36
O2 FUC B . -14.53 -0.15 21.04
O3 FUC B . -14.81 0.08 17.99
O4 FUC B . -17.24 -0.83 17.41
O5 FUC B . -17.56 -2.25 20.28
C1 NAG C . 2.81 -14.47 -23.43
C2 NAG C . 2.64 -13.11 -24.08
C3 NAG C . 3.18 -13.13 -25.52
C4 NAG C . 4.63 -13.61 -25.53
C5 NAG C . 4.75 -14.95 -24.78
C6 NAG C . 6.19 -15.36 -24.60
C7 NAG C . 0.81 -11.52 -23.59
C8 NAG C . 1.86 -10.60 -23.06
N2 NAG C . 1.24 -12.70 -24.07
O3 NAG C . 3.08 -11.83 -26.07
O4 NAG C . 5.08 -13.80 -26.87
O5 NAG C . 4.20 -14.84 -23.46
O6 NAG C . 6.93 -14.30 -24.01
O7 NAG C . -0.38 -11.22 -23.59
C1 NAG C . 6.10 -12.86 -27.31
C2 NAG C . 6.89 -13.46 -28.50
C3 NAG C . 7.88 -12.43 -29.07
C4 NAG C . 7.16 -11.14 -29.41
C5 NAG C . 6.47 -10.61 -28.16
C6 NAG C . 5.69 -9.34 -28.41
C7 NAG C . 7.06 -15.89 -28.16
C8 NAG C . 7.95 -17.02 -27.72
N2 NAG C . 7.60 -14.67 -28.11
O3 NAG C . 8.50 -12.96 -30.25
O4 NAG C . 8.08 -10.16 -29.90
O5 NAG C . 5.53 -11.59 -27.70
O6 NAG C . 4.38 -9.62 -28.88
O7 NAG C . 5.92 -16.08 -28.56
C1 FUC C . 8.33 -14.36 -24.38
C2 FUC C . 8.99 -12.97 -24.11
C3 FUC C . 9.20 -12.71 -22.61
C4 FUC C . 9.87 -13.92 -21.91
C5 FUC C . 9.14 -15.23 -22.26
C6 FUC C . 9.85 -16.49 -21.76
O2 FUC C . 8.27 -11.91 -24.72
O3 FUC C . 10.06 -11.59 -22.44
O4 FUC C . 11.24 -13.98 -22.28
O5 FUC C . 9.00 -15.41 -23.69
C1 NAG D . 17.57 16.54 -17.60
C2 NAG D . 17.68 17.14 -19.02
C3 NAG D . 17.49 16.06 -20.09
C4 NAG D . 18.36 14.83 -19.82
C5 NAG D . 18.10 14.33 -18.40
C6 NAG D . 18.96 13.16 -17.99
C7 NAG D . 16.89 19.48 -18.95
C8 NAG D . 15.70 20.38 -19.14
N2 NAG D . 16.68 18.18 -19.18
O3 NAG D . 17.81 16.62 -21.36
O4 NAG D . 18.00 13.83 -20.77
O5 NAG D . 18.40 15.39 -17.48
O6 NAG D . 20.32 13.38 -18.35
O7 NAG D . 17.98 19.91 -18.61
C1 NAG D . 19.11 13.20 -21.44
C2 NAG D . 18.62 11.86 -22.01
C3 NAG D . 19.73 11.14 -22.78
C4 NAG D . 20.33 12.07 -23.82
C5 NAG D . 20.79 13.38 -23.17
C6 NAG D . 21.30 14.40 -24.17
C7 NAG D . 16.81 11.03 -20.59
C8 NAG D . 16.41 10.09 -19.49
N2 NAG D . 18.09 11.00 -20.96
O3 NAG D . 19.16 10.00 -23.42
O4 NAG D . 21.45 11.44 -24.46
O5 NAG D . 19.67 13.99 -22.49
O6 NAG D . 21.28 13.89 -25.49
O7 NAG D . 16.00 11.78 -21.13
C1 FUC D . 21.24 12.98 -17.30
C2 FUC D . 22.66 13.10 -17.89
C3 FUC D . 22.94 14.57 -18.23
C4 FUC D . 22.79 15.46 -16.97
C5 FUC D . 21.42 15.22 -16.30
C6 FUC D . 21.31 15.84 -14.91
O2 FUC D . 22.82 12.28 -19.03
O3 FUC D . 24.26 14.74 -18.77
O4 FUC D . 23.81 15.19 -16.02
O5 FUC D . 21.12 13.80 -16.15
C1 NAG E . 16.49 -12.90 25.53
C2 NAG E . 17.56 -14.00 25.66
C3 NAG E . 17.97 -14.17 27.13
C4 NAG E . 18.45 -12.83 27.69
C5 NAG E . 17.34 -11.80 27.55
C6 NAG E . 17.72 -10.43 28.07
C7 NAG E . 17.56 -15.82 24.02
C8 NAG E . 16.92 -17.12 23.60
N2 NAG E . 17.07 -15.26 25.12
O3 NAG E . 18.99 -15.15 27.23
O4 NAG E . 18.83 -12.97 29.06
O5 NAG E . 16.98 -11.66 26.17
O6 NAG E . 18.38 -9.65 27.08
O7 NAG E . 18.47 -15.31 23.38
C1 NAG F . 0.80 -34.81 -12.59
C2 NAG F . 0.23 -36.20 -12.83
C3 NAG F . -0.82 -36.53 -11.78
C4 NAG F . -0.22 -36.40 -10.39
C5 NAG F . 0.47 -35.04 -10.19
C6 NAG F . 1.27 -34.98 -8.91
C7 NAG F . -1.24 -35.59 -14.75
C8 NAG F . -1.62 -35.95 -16.15
N2 NAG F . -0.30 -36.36 -14.19
O3 NAG F . -1.30 -37.85 -11.98
O4 NAG F . -1.24 -36.55 -9.39
O5 NAG F . 1.38 -34.76 -11.26
O6 NAG F . 1.91 -36.22 -8.63
O7 NAG F . -1.76 -34.65 -14.15
C1 NAG G . -4.60 21.32 19.71
C2 NAG G . -3.57 20.21 19.40
C3 NAG G . -2.62 20.03 20.58
C4 NAG G . -1.90 21.34 20.89
C5 NAG G . -2.94 22.40 21.26
C6 NAG G . -2.31 23.76 21.50
C7 NAG G . -4.42 18.47 17.85
C8 NAG G . -5.13 17.15 17.78
N2 NAG G . -4.24 18.95 19.09
O3 NAG G . -1.68 19.00 20.30
O4 NAG G . -0.97 21.19 21.94
O5 NAG G . -3.89 22.56 20.18
O6 NAG G . -3.27 24.81 21.42
O7 NAG G . -4.05 19.07 16.85
C1 GOL H . 13.62 0.58 17.52
O1 GOL H . 13.52 -0.31 16.47
C2 GOL H . 12.36 1.52 17.45
O2 GOL H . 12.57 2.64 16.64
C3 GOL H . 11.21 0.63 16.92
O3 GOL H . 10.04 1.33 17.22
C1 GOL I . 1.19 -5.73 -15.01
O1 GOL I . 1.56 -4.56 -15.67
C2 GOL I . -0.34 -5.68 -14.77
O2 GOL I . -1.05 -5.86 -15.94
C3 GOL I . -0.64 -6.82 -13.75
O3 GOL I . -0.90 -6.25 -12.49
C02 8UW J . 11.20 0.75 -6.97
C03 8UW J . 10.52 2.12 -6.71
C05 8UW J . 10.17 3.10 -4.43
C06 8UW J . 9.90 4.62 -4.16
C07 8UW J . 10.43 5.51 -5.29
C08 8UW J . 10.25 7.03 -5.03
C09 8UW J . 8.86 7.38 -4.43
C10 8UW J . 7.86 6.20 -4.51
C11 8UW J . 8.40 4.91 -3.82
C12 8UW J . 10.40 -0.47 -6.37
C14 8UW J . 7.97 0.16 -5.93
C16 8UW J . 6.51 0.02 -6.34
C17 8UW J . 6.17 0.56 -7.73
C18 8UW J . 6.87 1.89 -8.05
C19 8UW J . 6.72 3.06 -7.29
C20 8UW J . 7.37 4.24 -7.61
C21 8UW J . 8.20 4.32 -8.72
C22 8UW J . 8.40 3.20 -9.50
C23 8UW J . 7.74 2.01 -9.17
C24 8UW J . 4.69 0.63 -7.98
C25 8UW J . 3.84 1.31 -7.11
C26 8UW J . 2.47 1.38 -7.32
C27 8UW J . 1.90 0.74 -8.44
C28 8UW J . 2.71 0.06 -9.33
C29 8UW J . 4.09 -0.01 -9.10
N04 8UW J . 11.10 2.85 -5.55
N13 8UW J . 8.98 -0.55 -6.70
O01 8UW J . 12.45 0.77 -6.37
O15 8UW J . 8.27 0.83 -5.03
C1 GOL K . 12.05 10.30 5.63
O1 GOL K . 13.08 10.09 6.55
C2 GOL K . 12.13 11.79 5.19
O2 GOL K . 13.45 12.27 5.14
C3 GOL K . 11.38 11.84 3.81
O3 GOL K . 10.95 13.17 3.64
C1 GOL L . 8.92 27.04 11.39
O1 GOL L . 9.03 27.69 12.61
C2 GOL L . 10.04 25.96 11.35
O2 GOL L . 11.25 26.45 10.92
C3 GOL L . 10.14 25.37 12.78
O3 GOL L . 10.92 24.20 12.68
C GOA M . 5.55 2.69 -1.56
CA GOA M . 6.80 1.71 -1.63
O GOA M . 4.51 2.20 -1.07
OXT GOA M . 5.66 3.86 -1.98
O2 GOA M . 7.72 2.00 -2.64
S SO4 N . -22.41 3.80 8.55
O1 SO4 N . -21.32 3.60 7.60
O2 SO4 N . -22.77 2.51 9.14
O3 SO4 N . -23.57 4.34 7.86
O4 SO4 N . -22.00 4.71 9.61
S SO4 O . 10.00 -30.48 -2.91
O1 SO4 O . 10.37 -30.53 -1.49
O2 SO4 O . 10.01 -31.84 -3.46
O3 SO4 O . 8.65 -29.92 -3.07
O4 SO4 O . 10.96 -29.64 -3.63
S SO4 P . 1.44 16.69 -33.45
O1 SO4 P . 2.53 16.56 -32.48
O2 SO4 P . 1.56 15.63 -34.45
O3 SO4 P . 0.14 16.58 -32.78
O4 SO4 P . 1.54 18.01 -34.09
NA NA Q . -7.64 20.27 -7.95
CL CL R . 10.27 24.21 -12.28
CL CL S . -11.36 15.08 -23.88
CL CL T . 2.01 24.20 -26.98
CL CL U . -4.13 20.52 -8.12
CL CL V . -9.17 19.50 -10.24
CL CL W . -8.36 23.62 9.84
CL CL X . 14.58 21.68 -6.54
CL CL Y . -9.80 -12.99 -14.85
#